data_3WTC
#
_entry.id   3WTC
#
_cell.length_a   117.840
_cell.length_b   58.098
_cell.length_c   67.246
_cell.angle_alpha   90.00
_cell.angle_beta   90.00
_cell.angle_gamma   90.00
#
_symmetry.space_group_name_H-M   'P 21 21 2'
#
loop_
_entity.id
_entity.type
_entity.pdbx_description
1 polymer 'Putative oxidoreductase'
2 water water
#
_entity_poly.entity_id   1
_entity_poly.type   'polypeptide(L)'
_entity_poly.pdbx_seq_one_letter_code
;GSHMSLSGKIAAVTGAAQGIGKAIALRLAKDGADVILLDVKQDTLAETAKEVEALGRRAVALTADISNRDQFRSTLADAA
KTLGGLDIMVNNAGICQVKPILDIEPAEIEKIFSINVQGVLWGMQAAATLFKEKGTKGKIINACSIAGHEGYPLLGAYSA
TKFAVRALTQSAAKELASSGITVNSYCPGIVGTDMWVTIDKRMAEITGTEIGATYKKYVEGIALGRVETADDVAGFVAYL
SSSDADYMTGQSVLIDGGLVFR
;
_entity_poly.pdbx_strand_id   A,B
#
# COMPACT_ATOMS: atom_id res chain seq x y z
N MET A 4 -5.73 14.69 -13.99
CA MET A 4 -5.20 15.37 -12.86
C MET A 4 -3.99 14.56 -12.45
N SER A 5 -4.12 13.46 -11.71
CA SER A 5 -2.98 12.86 -11.08
C SER A 5 -1.82 12.43 -12.05
N LEU A 6 -2.20 12.02 -13.25
CA LEU A 6 -1.22 11.51 -14.22
C LEU A 6 -1.16 12.38 -15.43
N SER A 7 -1.43 13.66 -15.25
CA SER A 7 -1.35 14.55 -16.37
C SER A 7 0.01 14.47 -17.08
N GLY A 8 -0.02 14.32 -18.40
CA GLY A 8 1.21 14.29 -19.18
C GLY A 8 1.91 12.94 -19.29
N LYS A 9 1.41 11.95 -18.53
CA LYS A 9 2.07 10.64 -18.48
C LYS A 9 1.60 9.71 -19.56
N ILE A 10 2.40 8.66 -19.83
CA ILE A 10 2.03 7.61 -20.76
C ILE A 10 2.19 6.27 -20.00
N ALA A 11 1.17 5.45 -20.03
CA ALA A 11 1.18 4.17 -19.35
C ALA A 11 0.97 3.04 -20.34
N ALA A 12 1.57 1.89 -20.11
CA ALA A 12 1.24 0.68 -20.89
C ALA A 12 0.63 -0.36 -19.96
N VAL A 13 -0.36 -1.09 -20.42
CA VAL A 13 -1.07 -2.08 -19.64
C VAL A 13 -1.28 -3.34 -20.49
N THR A 14 -0.81 -4.48 -19.96
CA THR A 14 -1.05 -5.75 -20.64
C THR A 14 -2.42 -6.34 -20.17
N GLY A 15 -3.01 -7.19 -20.98
CA GLY A 15 -4.35 -7.67 -20.72
C GLY A 15 -5.37 -6.59 -20.68
N ALA A 16 -5.17 -5.53 -21.47
CA ALA A 16 -5.99 -4.36 -21.41
C ALA A 16 -7.33 -4.41 -22.06
N ALA A 17 -7.67 -5.48 -22.82
CA ALA A 17 -8.87 -5.44 -23.64
C ALA A 17 -10.08 -5.61 -22.76
N GLN A 18 -9.97 -6.37 -21.67
CA GLN A 18 -11.13 -6.75 -20.87
C GLN A 18 -10.75 -6.88 -19.45
N GLY A 19 -11.75 -6.98 -18.57
CA GLY A 19 -11.43 -7.31 -17.20
C GLY A 19 -10.69 -6.26 -16.36
N ILE A 20 -9.81 -6.75 -15.49
CA ILE A 20 -9.10 -5.93 -14.60
C ILE A 20 -8.18 -5.02 -15.40
N GLY A 21 -7.56 -5.56 -16.45
CA GLY A 21 -6.69 -4.72 -17.25
C GLY A 21 -7.40 -3.58 -17.96
N LYS A 22 -8.62 -3.83 -18.44
CA LYS A 22 -9.39 -2.71 -19.03
C LYS A 22 -9.77 -1.66 -17.96
N ALA A 23 -10.14 -2.08 -16.75
CA ALA A 23 -10.41 -1.16 -15.72
C ALA A 23 -9.23 -0.32 -15.36
N ILE A 24 -8.06 -0.96 -15.28
CA ILE A 24 -6.84 -0.27 -15.01
C ILE A 24 -6.63 0.77 -16.14
N ALA A 25 -6.63 0.33 -17.37
CA ALA A 25 -6.42 1.27 -18.50
C ALA A 25 -7.35 2.49 -18.46
N LEU A 26 -8.63 2.24 -18.22
CA LEU A 26 -9.60 3.33 -18.17
C LEU A 26 -9.41 4.29 -17.00
N ARG A 27 -9.02 3.75 -15.85
CA ARG A 27 -8.70 4.60 -14.73
C ARG A 27 -7.45 5.42 -14.92
N LEU A 28 -6.39 4.83 -15.49
CA LEU A 28 -5.21 5.61 -15.74
C LEU A 28 -5.53 6.74 -16.78
N ALA A 29 -6.33 6.43 -17.79
CA ALA A 29 -6.76 7.46 -18.78
C ALA A 29 -7.54 8.58 -18.13
N LYS A 30 -8.46 8.23 -17.26
CA LYS A 30 -9.32 9.23 -16.51
C LYS A 30 -8.47 10.14 -15.68
N ASP A 31 -7.37 9.58 -15.15
CA ASP A 31 -6.41 10.31 -14.34
C ASP A 31 -5.41 11.12 -15.17
N GLY A 32 -5.49 11.05 -16.49
CA GLY A 32 -4.65 11.82 -17.39
C GLY A 32 -3.69 11.19 -18.34
N ALA A 33 -3.51 9.88 -18.20
CA ALA A 33 -2.40 9.23 -18.95
C ALA A 33 -2.91 8.80 -20.31
N ASP A 34 -2.10 9.02 -21.32
CA ASP A 34 -2.32 8.27 -22.60
C ASP A 34 -1.93 6.81 -22.35
N VAL A 35 -2.53 5.89 -23.12
CA VAL A 35 -2.40 4.52 -22.79
C VAL A 35 -1.99 3.65 -23.98
N ILE A 36 -1.02 2.78 -23.73
CA ILE A 36 -0.65 1.70 -24.65
C ILE A 36 -1.35 0.44 -24.19
N LEU A 37 -2.27 -0.04 -24.97
CA LEU A 37 -3.13 -1.20 -24.66
C LEU A 37 -2.58 -2.41 -25.40
N LEU A 38 -2.19 -3.42 -24.66
CA LEU A 38 -1.58 -4.62 -25.20
C LEU A 38 -2.40 -5.84 -24.77
N ASP A 39 -2.77 -6.68 -25.73
CA ASP A 39 -3.58 -7.86 -25.46
C ASP A 39 -3.48 -8.78 -26.70
N VAL A 40 -4.32 -9.77 -26.74
CA VAL A 40 -4.17 -10.81 -27.82
C VAL A 40 -5.17 -10.79 -28.90
N LYS A 41 -6.23 -9.96 -28.84
CA LYS A 41 -7.28 -9.97 -29.84
C LYS A 41 -7.54 -8.54 -30.31
N GLN A 42 -7.27 -8.30 -31.58
CA GLN A 42 -7.33 -6.95 -32.07
C GLN A 42 -8.72 -6.32 -31.94
N ASP A 43 -9.78 -7.10 -32.24
CA ASP A 43 -11.11 -6.51 -32.24
C ASP A 43 -11.55 -5.96 -30.88
N THR A 44 -11.27 -6.69 -29.82
CA THR A 44 -11.67 -6.24 -28.47
C THR A 44 -10.69 -5.14 -27.95
N LEU A 45 -9.43 -5.19 -28.40
CA LEU A 45 -8.47 -4.11 -28.12
C LEU A 45 -8.99 -2.81 -28.75
N ALA A 46 -9.47 -2.89 -29.99
CA ALA A 46 -9.96 -1.70 -30.69
C ALA A 46 -11.13 -1.06 -29.97
N GLU A 47 -11.99 -1.87 -29.39
CA GLU A 47 -13.16 -1.35 -28.62
C GLU A 47 -12.74 -0.58 -27.41
N THR A 48 -11.76 -1.12 -26.69
CA THR A 48 -11.24 -0.49 -25.52
C THR A 48 -10.48 0.76 -25.85
N ALA A 49 -9.76 0.73 -26.94
CA ALA A 49 -9.07 1.97 -27.40
C ALA A 49 -10.06 3.07 -27.70
N LYS A 50 -11.17 2.75 -28.30
CA LYS A 50 -12.20 3.76 -28.54
C LYS A 50 -12.77 4.37 -27.27
N GLU A 51 -12.87 3.59 -26.18
CA GLU A 51 -13.32 4.15 -24.89
C GLU A 51 -12.31 5.13 -24.33
N VAL A 52 -11.04 4.81 -24.48
CA VAL A 52 -9.94 5.68 -24.05
C VAL A 52 -9.98 6.96 -24.88
N GLU A 53 -10.13 6.82 -26.17
CA GLU A 53 -10.16 7.99 -27.04
C GLU A 53 -11.33 8.91 -26.75
N ALA A 54 -12.45 8.33 -26.36
CA ALA A 54 -13.60 9.17 -25.97
C ALA A 54 -13.37 10.05 -24.80
N LEU A 55 -12.36 9.77 -23.98
CA LEU A 55 -11.99 10.61 -22.88
C LEU A 55 -11.12 11.80 -23.31
N GLY A 56 -10.76 11.90 -24.58
CA GLY A 56 -9.76 12.88 -24.99
C GLY A 56 -8.36 12.45 -24.69
N ARG A 57 -8.16 11.13 -24.58
CA ARG A 57 -6.83 10.58 -24.39
C ARG A 57 -6.35 9.85 -25.63
N ARG A 58 -5.05 9.76 -25.81
CA ARG A 58 -4.52 9.04 -26.88
C ARG A 58 -4.28 7.58 -26.49
N ALA A 59 -4.49 6.69 -27.46
CA ALA A 59 -4.35 5.24 -27.22
C ALA A 59 -3.64 4.62 -28.37
N VAL A 60 -2.78 3.66 -28.06
CA VAL A 60 -2.21 2.77 -29.06
C VAL A 60 -2.67 1.39 -28.66
N ALA A 61 -3.24 0.64 -29.57
CA ALA A 61 -3.71 -0.71 -29.30
C ALA A 61 -3.04 -1.69 -30.22
N LEU A 62 -2.23 -2.56 -29.64
CA LEU A 62 -1.45 -3.53 -30.39
C LEU A 62 -1.53 -4.91 -29.78
N THR A 63 -1.64 -5.92 -30.65
CA THR A 63 -1.59 -7.30 -30.21
C THR A 63 -0.13 -7.63 -29.85
N ALA A 64 0.04 -8.45 -28.83
CA ALA A 64 1.37 -8.91 -28.42
C ALA A 64 1.22 -10.17 -27.56
N ASP A 65 2.26 -10.99 -27.61
CA ASP A 65 2.41 -12.14 -26.75
C ASP A 65 3.44 -11.79 -25.68
N ILE A 66 2.97 -11.63 -24.44
CA ILE A 66 3.88 -11.23 -23.38
C ILE A 66 5.04 -12.20 -23.15
N SER A 67 4.83 -13.45 -23.57
CA SER A 67 5.89 -14.45 -23.38
C SER A 67 6.98 -14.42 -24.45
N ASN A 68 6.84 -13.58 -25.46
CA ASN A 68 7.86 -13.37 -26.45
C ASN A 68 8.74 -12.17 -26.14
N ARG A 69 9.93 -12.41 -25.62
CA ARG A 69 10.83 -11.37 -25.12
C ARG A 69 11.12 -10.30 -26.13
N ASP A 70 11.57 -10.71 -27.30
CA ASP A 70 12.00 -9.72 -28.28
C ASP A 70 10.83 -8.97 -28.92
N GLN A 71 9.74 -9.67 -29.21
CA GLN A 71 8.58 -9.05 -29.74
C GLN A 71 7.93 -8.04 -28.79
N PHE A 72 7.97 -8.37 -27.50
CA PHE A 72 7.37 -7.46 -26.49
C PHE A 72 8.22 -6.20 -26.46
N ARG A 73 9.53 -6.36 -26.50
CA ARG A 73 10.45 -5.25 -26.49
C ARG A 73 10.16 -4.29 -27.67
N SER A 74 10.16 -4.84 -28.89
CA SER A 74 9.90 -4.02 -30.09
C SER A 74 8.52 -3.43 -30.20
N THR A 75 7.47 -4.18 -29.83
CA THR A 75 6.12 -3.64 -29.88
C THR A 75 5.95 -2.52 -28.88
N LEU A 76 6.47 -2.69 -27.68
CA LEU A 76 6.37 -1.62 -26.67
C LEU A 76 7.13 -0.36 -27.11
N ALA A 77 8.31 -0.56 -27.66
CA ALA A 77 9.09 0.54 -28.16
C ALA A 77 8.37 1.25 -29.28
N ASP A 78 7.76 0.51 -30.22
CA ASP A 78 6.98 1.11 -31.32
C ASP A 78 5.87 2.04 -30.74
N ALA A 79 5.17 1.52 -29.74
CA ALA A 79 4.07 2.31 -29.17
C ALA A 79 4.54 3.52 -28.43
N ALA A 80 5.62 3.41 -27.69
CA ALA A 80 6.19 4.49 -26.94
C ALA A 80 6.69 5.57 -27.87
N LYS A 81 7.18 5.16 -29.01
CA LYS A 81 7.60 6.16 -30.02
C LYS A 81 6.43 6.91 -30.55
N THR A 82 5.37 6.21 -30.93
CA THR A 82 4.12 6.86 -31.36
C THR A 82 3.58 7.94 -30.39
N LEU A 83 3.62 7.66 -29.09
CA LEU A 83 3.07 8.54 -28.12
C LEU A 83 4.06 9.57 -27.53
N GLY A 84 5.34 9.42 -27.81
CA GLY A 84 6.29 10.33 -27.27
C GLY A 84 6.80 10.07 -25.86
N GLY A 85 6.78 8.80 -25.48
CA GLY A 85 7.39 8.41 -24.22
C GLY A 85 6.71 7.21 -23.54
N LEU A 86 7.12 6.96 -22.31
CA LEU A 86 6.57 5.88 -21.51
C LEU A 86 7.00 6.13 -20.07
N ASP A 87 6.03 6.19 -19.16
CA ASP A 87 6.30 6.48 -17.74
C ASP A 87 5.96 5.30 -16.77
N ILE A 88 4.98 4.50 -17.14
CA ILE A 88 4.38 3.54 -16.27
C ILE A 88 4.18 2.24 -17.08
N MET A 89 4.58 1.10 -16.55
CA MET A 89 4.35 -0.20 -17.16
C MET A 89 3.58 -1.09 -16.17
N VAL A 90 2.37 -1.52 -16.57
CA VAL A 90 1.60 -2.39 -15.73
C VAL A 90 1.57 -3.79 -16.37
N ASN A 91 2.24 -4.75 -15.72
CA ASN A 91 2.27 -6.12 -16.17
C ASN A 91 1.11 -6.86 -15.53
N ASN A 92 -0.08 -6.67 -16.08
CA ASN A 92 -1.29 -7.22 -15.56
C ASN A 92 -1.69 -8.60 -16.02
N ALA A 93 -1.44 -8.87 -17.28
CA ALA A 93 -1.96 -10.11 -17.94
C ALA A 93 -1.33 -11.31 -17.31
N GLY A 94 -2.12 -12.32 -17.14
CA GLY A 94 -1.71 -13.61 -16.65
C GLY A 94 -2.85 -14.59 -16.82
N ILE A 95 -2.55 -15.86 -16.53
CA ILE A 95 -3.55 -16.92 -16.52
C ILE A 95 -3.61 -17.66 -15.19
N CYS A 96 -4.71 -18.38 -15.02
CA CYS A 96 -4.95 -19.17 -13.81
C CYS A 96 -5.13 -20.60 -14.29
N GLN A 97 -4.81 -21.53 -13.42
CA GLN A 97 -5.00 -22.96 -13.61
C GLN A 97 -5.43 -23.50 -12.25
N VAL A 98 -6.25 -24.56 -12.27
CA VAL A 98 -6.72 -25.24 -11.08
C VAL A 98 -6.33 -26.68 -11.28
N LYS A 99 -5.45 -27.20 -10.44
CA LYS A 99 -5.00 -28.59 -10.57
C LYS A 99 -4.31 -29.05 -9.28
N PRO A 100 -4.63 -30.26 -8.80
CA PRO A 100 -3.92 -30.71 -7.61
C PRO A 100 -2.45 -30.89 -7.84
N ILE A 101 -1.64 -30.71 -6.79
CA ILE A 101 -0.20 -30.80 -6.88
C ILE A 101 0.22 -32.08 -7.58
N LEU A 102 -0.43 -33.18 -7.24
CA LEU A 102 -0.03 -34.49 -7.76
C LEU A 102 -0.30 -34.65 -9.24
N ASP A 103 -1.23 -33.85 -9.76
CA ASP A 103 -1.70 -34.03 -11.15
C ASP A 103 -1.14 -33.02 -12.16
N ILE A 104 -0.30 -32.10 -11.71
CA ILE A 104 0.22 -31.08 -12.57
C ILE A 104 1.18 -31.74 -13.60
N GLU A 105 0.97 -31.45 -14.86
CA GLU A 105 1.77 -32.02 -15.94
C GLU A 105 2.81 -31.08 -16.52
N PRO A 106 3.83 -31.60 -17.22
CA PRO A 106 4.94 -30.75 -17.75
C PRO A 106 4.49 -29.58 -18.67
N ALA A 107 3.66 -29.86 -19.68
CA ALA A 107 3.27 -28.77 -20.60
C ALA A 107 2.41 -27.73 -19.91
N GLU A 108 1.64 -28.21 -18.94
CA GLU A 108 0.75 -27.34 -18.11
C GLU A 108 1.58 -26.28 -17.29
N ILE A 109 2.59 -26.78 -16.58
CA ILE A 109 3.37 -25.91 -15.69
C ILE A 109 4.26 -25.03 -16.57
N GLU A 110 4.77 -25.55 -17.72
CA GLU A 110 5.59 -24.71 -18.57
C GLU A 110 4.77 -23.55 -19.11
N LYS A 111 3.52 -23.80 -19.46
CA LYS A 111 2.63 -22.77 -20.02
C LYS A 111 2.42 -21.62 -19.01
N ILE A 112 2.02 -21.97 -17.80
CA ILE A 112 1.76 -20.91 -16.82
C ILE A 112 3.01 -20.17 -16.42
N PHE A 113 4.17 -20.83 -16.35
CA PHE A 113 5.38 -20.07 -16.08
C PHE A 113 5.76 -19.14 -17.25
N SER A 114 5.53 -19.62 -18.49
CA SER A 114 5.78 -18.79 -19.67
C SER A 114 5.01 -17.49 -19.68
N ILE A 115 3.76 -17.55 -19.33
CA ILE A 115 2.91 -16.42 -19.35
C ILE A 115 3.12 -15.59 -18.10
N ASN A 116 2.95 -16.22 -16.92
CA ASN A 116 2.91 -15.45 -15.68
C ASN A 116 4.30 -15.00 -15.14
N VAL A 117 5.35 -15.72 -15.41
CA VAL A 117 6.63 -15.35 -14.87
C VAL A 117 7.49 -14.75 -15.97
N GLN A 118 7.69 -15.48 -17.09
CA GLN A 118 8.48 -14.93 -18.21
C GLN A 118 7.79 -13.71 -18.76
N GLY A 119 6.47 -13.69 -18.83
CA GLY A 119 5.79 -12.57 -19.40
C GLY A 119 5.99 -11.28 -18.58
N VAL A 120 5.97 -11.39 -17.24
CA VAL A 120 6.25 -10.30 -16.36
C VAL A 120 7.67 -9.85 -16.55
N LEU A 121 8.62 -10.81 -16.53
CA LEU A 121 10.04 -10.46 -16.70
C LEU A 121 10.25 -9.73 -18.05
N TRP A 122 9.63 -10.23 -19.10
CA TRP A 122 9.88 -9.58 -20.42
C TRP A 122 9.32 -8.17 -20.44
N GLY A 123 8.17 -7.97 -19.76
CA GLY A 123 7.65 -6.63 -19.63
C GLY A 123 8.48 -5.67 -18.84
N MET A 124 8.95 -6.13 -17.69
CA MET A 124 9.91 -5.39 -16.92
C MET A 124 11.12 -4.99 -17.80
N GLN A 125 11.72 -5.99 -18.48
CA GLN A 125 12.85 -5.69 -19.35
C GLN A 125 12.50 -4.67 -20.45
N ALA A 126 11.39 -4.84 -21.12
CA ALA A 126 10.96 -3.94 -22.26
C ALA A 126 10.81 -2.54 -21.71
N ALA A 127 10.15 -2.37 -20.57
CA ALA A 127 9.91 -1.02 -20.09
C ALA A 127 11.17 -0.39 -19.51
N ALA A 128 11.98 -1.14 -18.72
CA ALA A 128 13.15 -0.55 -18.10
C ALA A 128 14.17 -0.19 -19.20
N THR A 129 14.20 -0.94 -20.27
CA THR A 129 15.12 -0.61 -21.41
C THR A 129 14.73 0.76 -21.93
N LEU A 130 13.44 1.05 -22.07
CA LEU A 130 12.99 2.32 -22.57
C LEU A 130 13.26 3.43 -21.56
N PHE A 131 12.98 3.18 -20.27
CA PHE A 131 13.17 4.19 -19.29
C PHE A 131 14.67 4.59 -19.22
N LYS A 132 15.54 3.60 -19.31
CA LYS A 132 16.96 3.82 -19.14
C LYS A 132 17.51 4.49 -20.38
N GLU A 133 17.07 4.10 -21.56
CA GLU A 133 17.70 4.64 -22.78
C GLU A 133 17.32 6.13 -22.91
N LYS A 134 16.14 6.48 -22.44
CA LYS A 134 15.70 7.85 -22.37
C LYS A 134 16.05 8.59 -21.09
N GLY A 135 16.45 7.89 -20.02
CA GLY A 135 16.62 8.55 -18.72
C GLY A 135 15.36 8.84 -17.89
N THR A 136 14.26 8.20 -18.18
CA THR A 136 13.03 8.56 -17.44
C THR A 136 13.01 7.81 -16.09
N LYS A 137 12.42 8.44 -15.07
CA LYS A 137 12.13 7.82 -13.76
C LYS A 137 10.88 6.97 -13.73
N GLY A 138 10.98 5.80 -14.23
CA GLY A 138 9.74 5.13 -14.54
C GLY A 138 9.23 4.29 -13.38
N LYS A 139 8.04 3.76 -13.59
CA LYS A 139 7.35 2.89 -12.59
C LYS A 139 6.93 1.59 -13.24
N ILE A 140 7.38 0.49 -12.70
CA ILE A 140 6.94 -0.87 -13.09
C ILE A 140 6.06 -1.43 -12.01
N ILE A 141 4.89 -1.87 -12.42
CA ILE A 141 3.85 -2.34 -11.55
C ILE A 141 3.37 -3.72 -12.03
N ASN A 142 3.58 -4.73 -11.20
CA ASN A 142 3.28 -6.10 -11.58
C ASN A 142 2.06 -6.63 -10.87
N ALA A 143 1.28 -7.46 -11.54
CA ALA A 143 0.17 -8.17 -10.91
C ALA A 143 0.64 -9.39 -10.18
N CYS A 144 0.38 -9.34 -8.89
CA CYS A 144 0.64 -10.47 -7.99
C CYS A 144 -0.74 -10.92 -7.54
N SER A 145 -0.87 -11.43 -6.33
CA SER A 145 -2.10 -12.07 -5.83
C SER A 145 -1.97 -12.39 -4.39
N ILE A 146 -3.10 -12.58 -3.68
CA ILE A 146 -3.06 -13.34 -2.39
C ILE A 146 -2.20 -14.63 -2.53
N ALA A 147 -2.30 -15.28 -3.70
CA ALA A 147 -1.59 -16.59 -3.91
C ALA A 147 -0.11 -16.36 -4.11
N GLY A 148 0.37 -15.11 -4.22
CA GLY A 148 1.83 -14.84 -4.18
C GLY A 148 2.37 -14.64 -2.79
N HIS A 149 1.49 -14.66 -1.80
CA HIS A 149 1.85 -14.57 -0.39
C HIS A 149 1.60 -15.81 0.39
N GLU A 150 0.68 -16.63 -0.08
CA GLU A 150 0.44 -17.90 0.56
C GLU A 150 0.05 -18.92 -0.51
N GLY A 151 0.55 -20.15 -0.42
CA GLY A 151 0.18 -21.20 -1.39
C GLY A 151 -1.25 -21.72 -1.09
N TYR A 152 -2.11 -21.77 -2.10
CA TYR A 152 -3.50 -22.24 -1.93
C TYR A 152 -3.68 -23.63 -2.51
N PRO A 153 -4.53 -24.45 -1.87
CA PRO A 153 -4.81 -25.78 -2.42
C PRO A 153 -5.47 -25.70 -3.80
N LEU A 154 -5.01 -26.57 -4.68
CA LEU A 154 -5.39 -26.68 -6.07
C LEU A 154 -4.87 -25.56 -6.95
N LEU A 155 -4.13 -24.61 -6.33
CA LEU A 155 -3.56 -23.48 -7.01
C LEU A 155 -2.06 -23.49 -6.85
N GLY A 156 -1.47 -24.67 -6.79
CA GLY A 156 0.01 -24.82 -6.66
C GLY A 156 0.78 -24.14 -7.77
N ALA A 157 0.40 -24.41 -9.01
CA ALA A 157 1.12 -23.83 -10.09
C ALA A 157 0.96 -22.32 -10.10
N TYR A 158 -0.30 -21.83 -10.02
CA TYR A 158 -0.58 -20.37 -10.01
C TYR A 158 0.16 -19.67 -8.84
N SER A 159 0.08 -20.28 -7.67
CA SER A 159 0.73 -19.69 -6.48
C SER A 159 2.24 -19.62 -6.72
N ALA A 160 2.84 -20.67 -7.23
CA ALA A 160 4.25 -20.67 -7.56
C ALA A 160 4.61 -19.53 -8.52
N THR A 161 3.79 -19.27 -9.55
CA THR A 161 4.08 -18.20 -10.44
C THR A 161 3.97 -16.83 -9.72
N LYS A 162 2.99 -16.68 -8.84
CA LYS A 162 2.80 -15.37 -8.16
C LYS A 162 3.86 -15.09 -7.10
N PHE A 163 4.31 -16.15 -6.41
CA PHE A 163 5.47 -16.03 -5.53
C PHE A 163 6.69 -15.58 -6.37
N ALA A 164 6.87 -16.24 -7.51
CA ALA A 164 7.98 -15.88 -8.44
C ALA A 164 7.89 -14.41 -8.85
N VAL A 165 6.72 -13.91 -9.18
CA VAL A 165 6.50 -12.52 -9.51
C VAL A 165 6.95 -11.60 -8.36
N ARG A 166 6.60 -11.94 -7.14
CA ARG A 166 7.05 -11.16 -5.94
C ARG A 166 8.56 -11.17 -5.81
N ALA A 167 9.21 -12.31 -6.08
CA ALA A 167 10.68 -12.37 -6.06
C ALA A 167 11.23 -11.41 -7.09
N LEU A 168 10.73 -11.47 -8.31
CA LEU A 168 11.28 -10.65 -9.40
C LEU A 168 11.03 -9.14 -9.11
N THR A 169 9.90 -8.80 -8.48
CA THR A 169 9.61 -7.45 -8.01
C THR A 169 10.67 -6.95 -7.07
N GLN A 170 11.06 -7.79 -6.12
CA GLN A 170 12.07 -7.39 -5.12
C GLN A 170 13.46 -7.29 -5.72
N SER A 171 13.85 -8.27 -6.54
CA SER A 171 15.22 -8.23 -7.17
C SER A 171 15.31 -7.02 -8.09
N ALA A 172 14.29 -6.81 -8.89
CA ALA A 172 14.23 -5.68 -9.82
C ALA A 172 14.20 -4.36 -9.10
N ALA A 173 13.48 -4.26 -8.00
CA ALA A 173 13.46 -3.03 -7.27
C ALA A 173 14.89 -2.69 -6.81
N LYS A 174 15.61 -3.68 -6.32
CA LYS A 174 16.96 -3.47 -5.80
C LYS A 174 17.92 -3.09 -6.91
N GLU A 175 17.75 -3.66 -8.10
CA GLU A 175 18.71 -3.44 -9.19
C GLU A 175 18.42 -2.16 -9.94
N LEU A 176 17.17 -1.71 -10.02
CA LEU A 176 16.76 -0.59 -10.86
C LEU A 176 16.65 0.70 -10.09
N ALA A 177 16.71 0.65 -8.76
CA ALA A 177 16.55 1.88 -7.96
C ALA A 177 17.58 2.93 -8.38
N SER A 178 18.80 2.50 -8.70
CA SER A 178 19.84 3.51 -9.01
C SER A 178 19.64 4.12 -10.37
N SER A 179 18.74 3.63 -11.20
CA SER A 179 18.31 4.24 -12.41
C SER A 179 17.05 5.06 -12.24
N GLY A 180 16.58 5.24 -11.03
CA GLY A 180 15.37 5.97 -10.79
C GLY A 180 14.04 5.29 -11.10
N ILE A 181 14.07 3.98 -11.08
CA ILE A 181 12.90 3.18 -11.46
C ILE A 181 12.46 2.45 -10.20
N THR A 182 11.16 2.51 -9.94
CA THR A 182 10.54 1.75 -8.86
C THR A 182 9.81 0.54 -9.42
N VAL A 183 9.73 -0.48 -8.58
CA VAL A 183 9.06 -1.74 -8.97
C VAL A 183 8.26 -2.18 -7.78
N ASN A 184 6.95 -2.32 -7.96
CA ASN A 184 6.04 -2.78 -6.92
C ASN A 184 5.04 -3.76 -7.59
N SER A 185 4.34 -4.50 -6.74
CA SER A 185 3.22 -5.36 -7.20
C SER A 185 1.96 -5.06 -6.42
N TYR A 186 0.83 -5.31 -7.10
CA TYR A 186 -0.49 -5.25 -6.45
C TYR A 186 -1.01 -6.69 -6.31
N CYS A 187 -1.63 -6.99 -5.19
CA CYS A 187 -2.03 -8.39 -4.87
C CYS A 187 -3.54 -8.43 -4.55
N PRO A 188 -4.36 -8.64 -5.59
CA PRO A 188 -5.78 -8.80 -5.32
C PRO A 188 -6.12 -10.09 -4.65
N GLY A 189 -7.33 -10.09 -4.04
CA GLY A 189 -7.93 -11.27 -3.43
C GLY A 189 -8.84 -11.93 -4.44
N ILE A 190 -10.08 -12.16 -3.99
CA ILE A 190 -11.02 -12.98 -4.73
C ILE A 190 -11.98 -12.05 -5.50
N VAL A 191 -11.88 -12.09 -6.83
CA VAL A 191 -12.73 -11.28 -7.73
C VAL A 191 -13.85 -12.22 -8.25
N GLY A 192 -13.51 -13.12 -9.16
CA GLY A 192 -14.44 -14.22 -9.61
C GLY A 192 -14.66 -15.36 -8.60
N THR A 193 -15.90 -15.82 -8.47
CA THR A 193 -16.27 -16.83 -7.48
C THR A 193 -16.40 -18.29 -8.07
N ASP A 194 -16.57 -18.41 -9.40
CA ASP A 194 -16.83 -19.73 -10.04
C ASP A 194 -15.66 -20.68 -9.85
N MET A 195 -14.45 -20.13 -9.97
CA MET A 195 -13.22 -20.92 -9.81
C MET A 195 -13.20 -21.57 -8.44
N TRP A 196 -13.73 -20.87 -7.44
CA TRP A 196 -13.73 -21.35 -6.05
C TRP A 196 -14.72 -22.48 -5.78
N VAL A 197 -15.86 -22.42 -6.45
CA VAL A 197 -16.77 -23.58 -6.46
C VAL A 197 -16.09 -24.85 -6.99
N THR A 198 -15.49 -24.73 -8.18
CA THR A 198 -14.59 -25.76 -8.78
C THR A 198 -13.52 -26.23 -7.79
N ILE A 199 -12.75 -25.28 -7.26
CA ILE A 199 -11.71 -25.66 -6.35
C ILE A 199 -12.35 -26.40 -5.19
N ASP A 200 -13.44 -25.86 -4.64
CA ASP A 200 -14.09 -26.48 -3.47
C ASP A 200 -14.53 -27.96 -3.71
N LYS A 201 -15.12 -28.20 -4.89
CA LYS A 201 -15.55 -29.54 -5.27
C LYS A 201 -14.30 -30.42 -5.34
N ARG A 202 -13.32 -29.98 -6.15
CA ARG A 202 -12.16 -30.79 -6.38
C ARG A 202 -11.38 -31.05 -5.09
N MET A 203 -11.38 -30.10 -4.15
CA MET A 203 -10.70 -30.35 -2.84
C MET A 203 -11.33 -31.51 -2.07
N ALA A 204 -12.67 -31.57 -2.07
CA ALA A 204 -13.42 -32.65 -1.43
C ALA A 204 -13.05 -34.00 -2.04
N GLU A 205 -13.08 -34.06 -3.37
CA GLU A 205 -12.69 -35.27 -4.12
C GLU A 205 -11.24 -35.67 -3.74
N ILE A 206 -10.28 -34.75 -3.77
CA ILE A 206 -8.85 -35.18 -3.57
C ILE A 206 -8.31 -35.30 -2.13
N THR A 207 -8.91 -34.59 -1.16
CA THR A 207 -8.50 -34.62 0.26
C THR A 207 -9.59 -35.14 1.22
N GLY A 208 -10.80 -35.40 0.73
CA GLY A 208 -11.94 -35.79 1.60
C GLY A 208 -12.51 -34.65 2.47
N THR A 209 -12.27 -33.39 2.09
CA THR A 209 -12.96 -32.24 2.72
C THR A 209 -14.47 -32.37 2.39
N GLU A 210 -15.32 -31.76 3.22
CA GLU A 210 -16.76 -31.63 2.91
C GLU A 210 -17.03 -30.64 1.77
N ILE A 211 -17.99 -30.94 0.91
CA ILE A 211 -18.46 -29.96 -0.12
C ILE A 211 -18.96 -28.70 0.61
N GLY A 212 -18.74 -27.52 0.01
CA GLY A 212 -19.08 -26.22 0.62
C GLY A 212 -17.97 -25.66 1.55
N ALA A 213 -17.15 -26.53 2.17
CA ALA A 213 -16.20 -26.10 3.26
C ALA A 213 -14.96 -25.29 2.85
N THR A 214 -14.50 -25.50 1.62
CA THR A 214 -13.36 -24.72 1.09
C THR A 214 -13.84 -23.33 0.63
N TYR A 215 -15.01 -23.29 0.03
CA TYR A 215 -15.57 -22.04 -0.44
C TYR A 215 -15.87 -21.11 0.75
N LYS A 216 -16.43 -21.71 1.81
CA LYS A 216 -16.65 -20.97 3.08
C LYS A 216 -15.35 -20.42 3.67
N LYS A 217 -14.35 -21.29 3.74
CA LYS A 217 -13.05 -20.88 4.28
C LYS A 217 -12.41 -19.68 3.56
N TYR A 218 -12.47 -19.71 2.23
CA TYR A 218 -11.77 -18.70 1.45
C TYR A 218 -12.75 -17.59 1.03
N VAL A 219 -13.86 -17.92 0.39
CA VAL A 219 -14.75 -16.88 -0.10
C VAL A 219 -15.51 -16.17 1.06
N GLU A 220 -16.06 -16.92 1.99
CA GLU A 220 -16.77 -16.30 3.12
C GLU A 220 -15.78 -15.96 4.25
N GLY A 221 -14.50 -16.20 4.04
CA GLY A 221 -13.45 -15.82 4.98
C GLY A 221 -12.91 -14.38 4.76
N ILE A 222 -13.37 -13.71 3.72
CA ILE A 222 -12.95 -12.33 3.44
C ILE A 222 -13.51 -11.41 4.56
N ALA A 223 -12.63 -10.70 5.28
CA ALA A 223 -13.13 -9.95 6.43
C ALA A 223 -14.27 -8.98 6.05
N LEU A 224 -14.09 -8.25 4.94
CA LEU A 224 -15.04 -7.26 4.51
C LEU A 224 -16.35 -7.85 4.07
N GLY A 225 -16.36 -9.17 3.76
CA GLY A 225 -17.66 -9.84 3.55
C GLY A 225 -18.21 -9.69 2.17
N ARG A 226 -17.40 -9.31 1.22
CA ARG A 226 -17.84 -9.17 -0.19
C ARG A 226 -16.60 -9.48 -1.07
N VAL A 227 -16.86 -9.98 -2.29
CA VAL A 227 -15.80 -10.16 -3.32
C VAL A 227 -15.35 -8.77 -3.84
N GLU A 228 -14.20 -8.81 -4.46
CA GLU A 228 -13.50 -7.62 -4.97
C GLU A 228 -14.02 -7.30 -6.39
N THR A 229 -14.00 -6.03 -6.74
CA THR A 229 -14.29 -5.67 -8.10
C THR A 229 -13.04 -5.25 -8.83
N ALA A 230 -13.13 -5.20 -10.14
CA ALA A 230 -12.05 -4.63 -10.96
C ALA A 230 -11.74 -3.20 -10.58
N ASP A 231 -12.72 -2.38 -10.19
CA ASP A 231 -12.49 -1.00 -9.79
C ASP A 231 -11.65 -0.95 -8.51
N ASP A 232 -11.87 -1.86 -7.57
CA ASP A 232 -11.05 -1.93 -6.33
C ASP A 232 -9.55 -2.07 -6.70
N VAL A 233 -9.31 -2.97 -7.62
CA VAL A 233 -7.92 -3.25 -8.08
C VAL A 233 -7.38 -1.98 -8.78
N ALA A 234 -8.19 -1.44 -9.69
CA ALA A 234 -7.70 -0.29 -10.46
C ALA A 234 -7.39 0.94 -9.61
N GLY A 235 -8.15 1.16 -8.54
CA GLY A 235 -7.88 2.20 -7.62
C GLY A 235 -6.53 2.15 -6.94
N PHE A 236 -6.12 0.95 -6.59
CA PHE A 236 -4.82 0.81 -5.94
C PHE A 236 -3.74 0.98 -7.04
N VAL A 237 -3.98 0.45 -8.20
CA VAL A 237 -2.97 0.61 -9.35
C VAL A 237 -2.81 2.08 -9.67
N ALA A 238 -3.89 2.85 -9.57
CA ALA A 238 -3.78 4.28 -9.77
C ALA A 238 -2.93 4.95 -8.76
N TYR A 239 -3.04 4.54 -7.46
CA TYR A 239 -2.11 5.02 -6.43
C TYR A 239 -0.62 4.67 -6.85
N LEU A 240 -0.38 3.44 -7.21
CA LEU A 240 0.97 2.99 -7.48
C LEU A 240 1.53 3.73 -8.74
N SER A 241 0.64 4.19 -9.59
CA SER A 241 1.08 4.99 -10.77
C SER A 241 1.43 6.40 -10.50
N SER A 242 1.02 6.90 -9.32
CA SER A 242 0.98 8.31 -8.97
C SER A 242 2.24 8.76 -8.24
N SER A 243 2.43 10.08 -8.14
CA SER A 243 3.61 10.55 -7.40
C SER A 243 3.51 10.29 -5.92
N ASP A 244 2.35 9.98 -5.36
CA ASP A 244 2.22 9.59 -3.96
C ASP A 244 2.81 8.24 -3.68
N ALA A 245 3.21 7.48 -4.70
CA ALA A 245 3.98 6.19 -4.52
C ALA A 245 5.45 6.36 -4.85
N ASP A 246 5.96 7.59 -4.99
CA ASP A 246 7.35 7.73 -5.44
C ASP A 246 8.32 7.04 -4.54
N TYR A 247 8.13 7.13 -3.23
CA TYR A 247 9.05 6.56 -2.28
C TYR A 247 8.86 5.06 -1.97
N MET A 248 7.85 4.43 -2.55
CA MET A 248 7.51 3.05 -2.33
C MET A 248 8.20 2.20 -3.45
N THR A 249 9.02 1.26 -3.05
CA THR A 249 9.61 0.29 -3.97
C THR A 249 9.89 -1.05 -3.32
N GLY A 250 9.78 -2.08 -4.15
CA GLY A 250 9.99 -3.44 -3.72
C GLY A 250 8.85 -4.11 -3.01
N GLN A 251 7.67 -3.51 -3.00
CA GLN A 251 6.56 -3.94 -2.20
C GLN A 251 5.50 -4.69 -3.03
N SER A 252 4.80 -5.60 -2.34
CA SER A 252 3.74 -6.42 -2.98
C SER A 252 2.53 -6.35 -2.07
N VAL A 253 1.68 -5.38 -2.33
CA VAL A 253 0.66 -4.87 -1.40
C VAL A 253 -0.64 -5.56 -1.66
N LEU A 254 -1.24 -6.02 -0.58
CA LEU A 254 -2.53 -6.72 -0.60
C LEU A 254 -3.73 -5.76 -0.56
N ILE A 255 -4.56 -5.85 -1.58
CA ILE A 255 -5.88 -5.19 -1.56
C ILE A 255 -6.86 -6.32 -1.78
N ASP A 256 -7.25 -6.91 -0.66
CA ASP A 256 -7.87 -8.23 -0.67
C ASP A 256 -9.02 -8.38 0.27
N GLY A 257 -9.54 -7.26 0.82
CA GLY A 257 -10.68 -7.34 1.74
C GLY A 257 -10.43 -7.98 3.06
N GLY A 258 -9.16 -8.23 3.38
CA GLY A 258 -8.85 -8.83 4.64
C GLY A 258 -8.83 -10.33 4.56
N LEU A 259 -7.95 -10.92 3.73
CA LEU A 259 -7.75 -12.34 3.59
C LEU A 259 -6.40 -12.80 4.00
N VAL A 260 -5.37 -12.09 3.59
CA VAL A 260 -3.99 -12.39 3.89
C VAL A 260 -3.48 -11.21 4.66
N PHE A 261 -2.87 -11.45 5.83
CA PHE A 261 -2.44 -10.37 6.70
C PHE A 261 -0.92 -10.39 6.85
N ARG A 262 -0.32 -9.33 6.39
CA ARG A 262 1.16 -9.14 6.52
C ARG A 262 1.43 -7.69 7.14
N MET B 4 -10.57 15.70 -5.37
CA MET B 4 -10.89 16.11 -3.94
C MET B 4 -11.50 14.93 -3.14
N SER B 5 -10.63 13.92 -2.96
CA SER B 5 -11.03 12.67 -2.37
C SER B 5 -11.86 12.90 -1.08
N LEU B 6 -11.45 13.83 -0.20
CA LEU B 6 -11.99 13.88 1.18
C LEU B 6 -13.01 14.95 1.47
N SER B 7 -13.59 15.48 0.41
CA SER B 7 -14.65 16.39 0.62
C SER B 7 -15.80 15.83 1.45
N GLY B 8 -16.23 16.63 2.42
CA GLY B 8 -17.23 16.36 3.47
C GLY B 8 -16.77 15.43 4.61
N LYS B 9 -15.50 15.13 4.62
CA LYS B 9 -14.99 14.14 5.61
C LYS B 9 -14.37 14.92 6.75
N ILE B 10 -14.28 14.24 7.88
CA ILE B 10 -13.60 14.74 9.10
C ILE B 10 -12.54 13.74 9.50
N ALA B 11 -11.31 14.21 9.68
CA ALA B 11 -10.16 13.34 10.04
C ALA B 11 -9.60 13.86 11.35
N ALA B 12 -9.15 12.93 12.23
CA ALA B 12 -8.44 13.28 13.47
C ALA B 12 -7.05 12.70 13.33
N VAL B 13 -6.07 13.45 13.75
CA VAL B 13 -4.65 13.11 13.69
C VAL B 13 -4.01 13.39 15.02
N THR B 14 -3.35 12.39 15.57
CA THR B 14 -2.53 12.57 16.73
C THR B 14 -1.08 12.95 16.35
N GLY B 15 -0.40 13.61 17.29
CA GLY B 15 0.91 14.21 17.00
C GLY B 15 0.88 15.19 15.87
N ALA B 16 -0.23 15.95 15.77
CA ALA B 16 -0.44 16.80 14.66
C ALA B 16 0.26 18.10 14.61
N ALA B 17 0.96 18.49 15.70
CA ALA B 17 1.51 19.87 15.72
C ALA B 17 2.75 20.01 14.88
N GLN B 18 3.53 18.93 14.70
CA GLN B 18 4.74 18.96 13.92
C GLN B 18 5.03 17.66 13.23
N GLY B 19 6.08 17.69 12.40
CA GLY B 19 6.57 16.46 11.79
C GLY B 19 5.58 15.76 10.90
N ILE B 20 5.60 14.46 10.99
CA ILE B 20 4.77 13.63 10.11
C ILE B 20 3.30 13.94 10.37
N GLY B 21 2.94 14.09 11.64
CA GLY B 21 1.46 14.29 11.93
C GLY B 21 1.00 15.59 11.30
N LYS B 22 1.84 16.62 11.37
CA LYS B 22 1.50 17.93 10.77
C LYS B 22 1.36 17.76 9.27
N ALA B 23 2.34 17.13 8.64
CA ALA B 23 2.23 16.87 7.21
C ALA B 23 0.95 16.13 6.82
N ILE B 24 0.59 15.12 7.60
CA ILE B 24 -0.64 14.38 7.37
C ILE B 24 -1.86 15.30 7.49
N ALA B 25 -1.96 16.04 8.58
CA ALA B 25 -3.05 16.97 8.79
C ALA B 25 -3.22 17.93 7.61
N LEU B 26 -2.11 18.50 7.14
CA LEU B 26 -2.20 19.46 6.05
C LEU B 26 -2.60 18.81 4.72
N ARG B 27 -2.14 17.59 4.48
CA ARG B 27 -2.45 16.89 3.25
C ARG B 27 -3.91 16.50 3.28
N LEU B 28 -4.41 15.99 4.40
CA LEU B 28 -5.80 15.63 4.45
C LEU B 28 -6.70 16.89 4.27
N ALA B 29 -6.24 17.99 4.85
CA ALA B 29 -6.99 19.26 4.68
C ALA B 29 -6.99 19.68 3.21
N LYS B 30 -5.83 19.59 2.55
CA LYS B 30 -5.76 19.89 1.08
C LYS B 30 -6.66 19.01 0.24
N ASP B 31 -6.87 17.76 0.65
CA ASP B 31 -7.68 16.81 -0.12
C ASP B 31 -9.19 17.01 0.21
N GLY B 32 -9.50 17.89 1.15
CA GLY B 32 -10.87 18.29 1.46
C GLY B 32 -11.42 18.14 2.84
N ALA B 33 -10.66 17.45 3.69
CA ALA B 33 -11.18 17.17 5.04
C ALA B 33 -11.05 18.30 6.04
N ASP B 34 -12.03 18.40 6.95
CA ASP B 34 -11.88 19.18 8.16
C ASP B 34 -11.07 18.29 9.15
N VAL B 35 -10.28 18.93 10.00
CA VAL B 35 -9.27 18.20 10.76
C VAL B 35 -9.34 18.47 12.25
N ILE B 36 -9.32 17.41 13.03
CA ILE B 36 -9.13 17.41 14.47
C ILE B 36 -7.66 17.16 14.77
N LEU B 37 -7.01 18.14 15.36
CA LEU B 37 -5.56 18.11 15.61
C LEU B 37 -5.37 17.86 17.09
N LEU B 38 -4.68 16.77 17.43
CA LEU B 38 -4.45 16.38 18.83
C LEU B 38 -2.97 16.34 19.04
N ASP B 39 -2.47 16.94 20.13
CA ASP B 39 -1.06 16.85 20.49
C ASP B 39 -0.93 17.27 21.95
N VAL B 40 0.27 17.59 22.38
CA VAL B 40 0.49 17.88 23.84
C VAL B 40 0.79 19.32 24.18
N LYS B 41 1.08 20.16 23.22
CA LYS B 41 1.35 21.61 23.49
C LYS B 41 0.37 22.51 22.75
N GLN B 42 -0.43 23.27 23.51
CA GLN B 42 -1.46 24.07 22.89
C GLN B 42 -0.90 25.09 21.89
N ASP B 43 0.21 25.73 22.25
CA ASP B 43 0.67 26.85 21.39
C ASP B 43 1.11 26.41 19.97
N THR B 44 1.83 25.28 19.87
CA THR B 44 2.23 24.74 18.56
C THR B 44 1.01 24.13 17.82
N LEU B 45 0.09 23.50 18.56
CA LEU B 45 -1.15 23.01 17.95
C LEU B 45 -1.92 24.18 17.29
N ALA B 46 -1.95 25.32 17.98
CA ALA B 46 -2.75 26.49 17.49
C ALA B 46 -2.19 26.99 16.18
N GLU B 47 -0.86 26.93 16.05
CA GLU B 47 -0.23 27.31 14.78
C GLU B 47 -0.61 26.41 13.65
N THR B 48 -0.57 25.10 13.88
CA THR B 48 -0.96 24.17 12.82
C THR B 48 -2.40 24.33 12.46
N ALA B 49 -3.25 24.52 13.47
CA ALA B 49 -4.69 24.79 13.26
C ALA B 49 -4.87 25.96 12.31
N LYS B 50 -4.10 27.03 12.49
CA LYS B 50 -4.26 28.19 11.57
C LYS B 50 -3.85 27.87 10.15
N GLU B 51 -2.91 26.99 9.95
CA GLU B 51 -2.50 26.62 8.60
C GLU B 51 -3.57 25.79 7.96
N VAL B 52 -4.25 24.98 8.77
CA VAL B 52 -5.39 24.23 8.23
C VAL B 52 -6.51 25.16 7.80
N GLU B 53 -6.83 26.11 8.65
CA GLU B 53 -7.87 27.09 8.39
C GLU B 53 -7.47 27.93 7.17
N ALA B 54 -6.18 28.21 6.98
CA ALA B 54 -5.71 28.95 5.77
C ALA B 54 -5.92 28.21 4.48
N LEU B 55 -5.86 26.87 4.53
CA LEU B 55 -6.20 26.05 3.36
C LEU B 55 -7.68 25.97 3.03
N GLY B 56 -8.51 26.64 3.83
CA GLY B 56 -9.96 26.73 3.73
C GLY B 56 -10.83 25.75 4.49
N ARG B 57 -10.22 25.01 5.40
CA ARG B 57 -10.97 24.03 6.20
C ARG B 57 -11.23 24.44 7.60
N ARG B 58 -12.10 23.68 8.26
CA ARG B 58 -12.31 23.82 9.70
C ARG B 58 -11.27 22.97 10.43
N ALA B 59 -10.80 23.51 11.53
CA ALA B 59 -9.90 22.80 12.43
C ALA B 59 -10.35 22.88 13.88
N VAL B 60 -10.15 21.81 14.62
CA VAL B 60 -10.27 21.84 16.09
C VAL B 60 -8.93 21.38 16.63
N ALA B 61 -8.34 22.12 17.57
CA ALA B 61 -7.04 21.78 18.08
C ALA B 61 -7.10 21.64 19.63
N LEU B 62 -6.88 20.41 20.13
CA LEU B 62 -7.07 20.07 21.57
C LEU B 62 -5.85 19.32 22.04
N THR B 63 -5.36 19.64 23.22
CA THR B 63 -4.34 18.84 23.85
C THR B 63 -4.98 17.58 24.37
N ALA B 64 -4.23 16.50 24.28
CA ALA B 64 -4.66 15.23 24.78
C ALA B 64 -3.41 14.32 25.04
N ASP B 65 -3.58 13.43 25.99
CA ASP B 65 -2.63 12.32 26.28
C ASP B 65 -3.16 11.05 25.74
N ILE B 66 -2.59 10.61 24.61
CA ILE B 66 -3.12 9.42 23.96
C ILE B 66 -3.06 8.17 24.87
N SER B 67 -2.21 8.18 25.88
CA SER B 67 -2.17 7.06 26.82
C SER B 67 -3.27 7.01 27.88
N ASN B 68 -4.09 8.08 27.94
CA ASN B 68 -5.22 8.11 28.89
C ASN B 68 -6.47 7.73 28.17
N ARG B 69 -6.94 6.54 28.36
CA ARG B 69 -8.06 5.95 27.65
C ARG B 69 -9.31 6.80 27.71
N ASP B 70 -9.71 7.11 28.92
CA ASP B 70 -11.01 7.82 29.06
C ASP B 70 -10.94 9.25 28.57
N GLN B 71 -9.84 9.94 28.79
CA GLN B 71 -9.72 11.30 28.34
C GLN B 71 -9.63 11.38 26.83
N PHE B 72 -8.90 10.45 26.24
CA PHE B 72 -8.87 10.40 24.73
C PHE B 72 -10.29 10.25 24.17
N ARG B 73 -11.06 9.31 24.72
CA ARG B 73 -12.40 9.04 24.28
C ARG B 73 -13.17 10.36 24.37
N SER B 74 -13.15 11.01 25.54
CA SER B 74 -14.01 12.20 25.71
C SER B 74 -13.57 13.40 24.86
N THR B 75 -12.28 13.61 24.75
CA THR B 75 -11.77 14.69 23.97
C THR B 75 -12.07 14.51 22.46
N LEU B 76 -11.83 13.31 21.97
CA LEU B 76 -12.15 13.00 20.55
C LEU B 76 -13.68 13.21 20.32
N ALA B 77 -14.49 12.73 21.24
CA ALA B 77 -15.95 12.93 21.15
C ALA B 77 -16.32 14.36 21.15
N ASP B 78 -15.69 15.18 21.99
CA ASP B 78 -15.96 16.66 22.00
C ASP B 78 -15.67 17.29 20.65
N ALA B 79 -14.54 16.92 20.03
CA ALA B 79 -14.09 17.49 18.81
C ALA B 79 -14.99 17.06 17.66
N ALA B 80 -15.40 15.81 17.69
CA ALA B 80 -16.30 15.25 16.67
C ALA B 80 -17.64 15.94 16.77
N LYS B 81 -18.11 16.22 17.98
CA LYS B 81 -19.40 16.91 18.12
C LYS B 81 -19.28 18.31 17.56
N THR B 82 -18.17 18.99 17.81
CA THR B 82 -17.97 20.34 17.36
C THR B 82 -18.02 20.37 15.80
N LEU B 83 -17.38 19.43 15.13
CA LEU B 83 -17.32 19.41 13.67
C LEU B 83 -18.47 18.68 12.98
N GLY B 84 -19.22 17.88 13.71
CA GLY B 84 -20.35 17.14 13.21
C GLY B 84 -20.11 15.75 12.74
N GLY B 85 -18.99 15.16 13.15
CA GLY B 85 -18.75 13.80 12.76
C GLY B 85 -17.30 13.41 12.91
N LEU B 86 -17.01 12.22 12.38
CA LEU B 86 -15.63 11.68 12.33
C LEU B 86 -15.65 10.57 11.31
N ASP B 87 -14.70 10.61 10.37
CA ASP B 87 -14.64 9.56 9.36
C ASP B 87 -13.31 8.81 9.29
N ILE B 88 -12.27 9.47 9.75
CA ILE B 88 -10.87 8.95 9.63
C ILE B 88 -10.15 9.27 10.94
N MET B 89 -9.43 8.27 11.47
CA MET B 89 -8.64 8.41 12.69
C MET B 89 -7.22 8.00 12.33
N VAL B 90 -6.27 8.92 12.50
CA VAL B 90 -4.86 8.62 12.23
C VAL B 90 -4.12 8.62 13.57
N ASN B 91 -3.74 7.43 14.04
CA ASN B 91 -3.01 7.25 15.26
C ASN B 91 -1.52 7.35 14.94
N ASN B 92 -1.05 8.56 14.78
CA ASN B 92 0.32 8.86 14.36
C ASN B 92 1.33 9.04 15.47
N ALA B 93 0.92 9.66 16.58
CA ALA B 93 1.87 9.96 17.65
C ALA B 93 2.49 8.72 18.24
N GLY B 94 3.77 8.85 18.54
CA GLY B 94 4.56 7.79 19.18
C GLY B 94 5.89 8.35 19.62
N ILE B 95 6.68 7.57 20.35
CA ILE B 95 8.02 7.99 20.75
C ILE B 95 9.02 6.92 20.41
N CYS B 96 10.30 7.29 20.39
CA CYS B 96 11.34 6.34 20.07
C CYS B 96 12.26 6.34 21.29
N GLN B 97 12.83 5.19 21.55
CA GLN B 97 13.92 5.00 22.51
C GLN B 97 15.05 4.27 21.84
N VAL B 98 16.28 4.47 22.35
CA VAL B 98 17.45 3.82 21.91
C VAL B 98 18.18 3.24 23.10
N LYS B 99 18.28 1.91 23.13
CA LYS B 99 18.89 1.23 24.31
C LYS B 99 19.15 -0.24 23.95
N PRO B 100 20.33 -0.78 24.23
CA PRO B 100 20.59 -2.21 24.01
C PRO B 100 19.63 -3.08 24.83
N ILE B 101 19.30 -4.23 24.28
CA ILE B 101 18.41 -5.20 24.90
C ILE B 101 18.77 -5.43 26.36
N LEU B 102 20.08 -5.56 26.62
CA LEU B 102 20.48 -5.89 28.00
C LEU B 102 20.26 -4.80 29.01
N ASP B 103 20.08 -3.56 28.53
CA ASP B 103 20.07 -2.40 29.42
C ASP B 103 18.70 -1.78 29.53
N ILE B 104 17.67 -2.33 28.87
CA ILE B 104 16.34 -1.76 28.96
C ILE B 104 15.83 -1.93 30.41
N GLU B 105 15.32 -0.84 30.99
CA GLU B 105 14.77 -0.86 32.37
C GLU B 105 13.25 -0.87 32.47
N PRO B 106 12.66 -1.23 33.61
CA PRO B 106 11.21 -1.39 33.68
C PRO B 106 10.44 -0.13 33.38
N ALA B 107 10.79 1.02 34.03
CA ALA B 107 10.03 2.25 33.71
C ALA B 107 10.14 2.68 32.24
N GLU B 108 11.30 2.50 31.62
CA GLU B 108 11.57 2.81 30.25
C GLU B 108 10.60 2.05 29.34
N ILE B 109 10.56 0.74 29.50
CA ILE B 109 9.72 -0.09 28.64
C ILE B 109 8.22 0.11 28.92
N GLU B 110 7.83 0.32 30.18
CA GLU B 110 6.45 0.70 30.47
C GLU B 110 6.04 1.99 29.78
N LYS B 111 6.94 2.94 29.70
CA LYS B 111 6.65 4.24 29.11
C LYS B 111 6.40 4.12 27.62
N ILE B 112 7.25 3.37 26.92
CA ILE B 112 7.12 3.29 25.46
C ILE B 112 5.89 2.45 25.09
N PHE B 113 5.59 1.44 25.87
CA PHE B 113 4.36 0.68 25.61
C PHE B 113 3.10 1.48 25.89
N SER B 114 3.16 2.30 26.93
CA SER B 114 2.00 3.14 27.28
C SER B 114 1.65 4.12 26.18
N ILE B 115 2.65 4.70 25.53
CA ILE B 115 2.42 5.66 24.50
C ILE B 115 2.14 4.96 23.18
N ASN B 116 3.02 4.05 22.77
CA ASN B 116 2.98 3.56 21.39
C ASN B 116 1.97 2.44 21.23
N VAL B 117 1.75 1.66 22.23
CA VAL B 117 0.79 0.56 22.09
C VAL B 117 -0.57 0.92 22.67
N GLN B 118 -0.63 1.21 23.98
CA GLN B 118 -1.91 1.66 24.58
C GLN B 118 -2.45 2.86 23.88
N GLY B 119 -1.62 3.81 23.50
CA GLY B 119 -2.12 5.05 22.87
C GLY B 119 -2.79 4.75 21.55
N VAL B 120 -2.21 3.83 20.76
CA VAL B 120 -2.88 3.40 19.51
C VAL B 120 -4.17 2.73 19.83
N LEU B 121 -4.17 1.79 20.78
CA LEU B 121 -5.38 1.09 21.14
C LEU B 121 -6.51 2.04 21.57
N TRP B 122 -6.17 2.97 22.42
CA TRP B 122 -7.17 3.92 22.93
C TRP B 122 -7.72 4.77 21.85
N GLY B 123 -6.91 5.10 20.85
CA GLY B 123 -7.41 5.89 19.72
C GLY B 123 -8.29 5.06 18.84
N MET B 124 -7.91 3.79 18.59
CA MET B 124 -8.84 2.90 17.82
C MET B 124 -10.19 2.83 18.55
N GLN B 125 -10.16 2.61 19.86
CA GLN B 125 -11.41 2.47 20.63
C GLN B 125 -12.28 3.71 20.61
N ALA B 126 -11.62 4.85 20.76
CA ALA B 126 -12.32 6.17 20.77
C ALA B 126 -12.95 6.39 19.43
N ALA B 127 -12.25 6.13 18.33
CA ALA B 127 -12.80 6.39 17.03
C ALA B 127 -13.88 5.36 16.65
N ALA B 128 -13.61 4.08 16.92
CA ALA B 128 -14.58 3.02 16.58
C ALA B 128 -15.92 3.23 17.30
N THR B 129 -15.83 3.73 18.53
CA THR B 129 -17.07 4.01 19.31
C THR B 129 -17.88 5.06 18.56
N LEU B 130 -17.25 6.13 18.14
CA LEU B 130 -17.95 7.17 17.41
C LEU B 130 -18.49 6.68 16.06
N PHE B 131 -17.68 5.94 15.33
CA PHE B 131 -18.18 5.38 14.05
C PHE B 131 -19.43 4.52 14.22
N LYS B 132 -19.38 3.66 15.22
CA LYS B 132 -20.51 2.72 15.45
C LYS B 132 -21.77 3.51 15.83
N GLU B 133 -21.64 4.65 16.53
CA GLU B 133 -22.82 5.55 16.75
C GLU B 133 -23.65 5.95 15.54
N LYS B 134 -23.08 6.31 14.40
CA LYS B 134 -23.84 6.72 13.21
C LYS B 134 -23.82 5.73 12.08
N GLY B 135 -23.22 4.55 12.27
CA GLY B 135 -23.10 3.62 11.16
C GLY B 135 -22.05 4.01 10.11
N THR B 136 -21.18 4.92 10.47
CA THR B 136 -20.10 5.36 9.62
C THR B 136 -19.21 4.26 9.21
N LYS B 137 -18.92 4.18 7.91
CA LYS B 137 -17.86 3.33 7.39
C LYS B 137 -16.44 3.91 7.59
N GLY B 138 -15.98 3.84 8.80
CA GLY B 138 -14.85 4.64 9.19
C GLY B 138 -13.51 4.00 8.80
N LYS B 139 -12.46 4.78 8.85
CA LYS B 139 -11.12 4.29 8.56
C LYS B 139 -10.24 4.57 9.77
N ILE B 140 -9.52 3.55 10.21
CA ILE B 140 -8.49 3.69 11.29
C ILE B 140 -7.18 3.44 10.62
N ILE B 141 -6.22 4.34 10.82
CA ILE B 141 -4.91 4.30 10.17
C ILE B 141 -3.88 4.51 11.26
N ASN B 142 -3.06 3.48 11.49
CA ASN B 142 -2.03 3.50 12.52
C ASN B 142 -0.63 3.69 12.02
N ALA B 143 0.17 4.44 12.76
CA ALA B 143 1.61 4.55 12.48
C ALA B 143 2.35 3.32 12.94
N CYS B 144 2.99 2.66 12.00
CA CYS B 144 3.90 1.55 12.28
C CYS B 144 5.27 2.05 11.78
N SER B 145 6.14 1.17 11.27
CA SER B 145 7.55 1.47 10.95
C SER B 145 8.17 0.28 10.27
N ILE B 146 9.29 0.50 9.57
CA ILE B 146 10.15 -0.61 9.21
C ILE B 146 10.42 -1.47 10.44
N ALA B 147 10.55 -0.86 11.63
CA ALA B 147 10.85 -1.59 12.90
C ALA B 147 9.64 -2.44 13.40
N GLY B 148 8.46 -2.23 12.81
CA GLY B 148 7.38 -3.18 13.01
C GLY B 148 7.34 -4.43 12.16
N HIS B 149 8.26 -4.54 11.21
CA HIS B 149 8.46 -5.69 10.38
C HIS B 149 9.72 -6.42 10.66
N GLU B 150 10.70 -5.74 11.23
CA GLU B 150 11.99 -6.38 11.58
C GLU B 150 12.49 -5.75 12.82
N GLY B 151 13.03 -6.57 13.73
CA GLY B 151 13.62 -5.99 14.94
C GLY B 151 15.03 -5.50 14.66
N TYR B 152 15.35 -4.31 15.11
CA TYR B 152 16.65 -3.66 14.85
C TYR B 152 17.48 -3.54 16.10
N PRO B 153 18.80 -3.58 15.91
CA PRO B 153 19.63 -3.44 17.09
C PRO B 153 19.63 -2.09 17.68
N LEU B 154 19.59 -2.08 19.03
CA LEU B 154 19.44 -0.89 19.84
C LEU B 154 18.05 -0.28 19.84
N LEU B 155 17.13 -0.91 19.09
CA LEU B 155 15.77 -0.45 18.96
C LEU B 155 14.79 -1.53 19.37
N GLY B 156 15.22 -2.42 20.27
CA GLY B 156 14.37 -3.47 20.67
C GLY B 156 13.03 -3.05 21.27
N ALA B 157 13.01 -2.12 22.22
CA ALA B 157 11.76 -1.65 22.75
C ALA B 157 10.84 -1.00 21.70
N TYR B 158 11.40 -0.14 20.87
CA TYR B 158 10.64 0.52 19.83
C TYR B 158 10.08 -0.50 18.85
N SER B 159 10.93 -1.42 18.45
CA SER B 159 10.48 -2.49 17.47
C SER B 159 9.39 -3.32 18.05
N ALA B 160 9.52 -3.67 19.33
CA ALA B 160 8.50 -4.45 20.04
C ALA B 160 7.15 -3.71 20.00
N THR B 161 7.19 -2.39 20.19
CA THR B 161 5.92 -1.65 20.18
C THR B 161 5.37 -1.58 18.77
N LYS B 162 6.20 -1.45 17.73
CA LYS B 162 5.64 -1.39 16.37
C LYS B 162 5.15 -2.71 15.86
N PHE B 163 5.80 -3.82 16.25
CA PHE B 163 5.21 -5.18 16.00
C PHE B 163 3.84 -5.32 16.67
N ALA B 164 3.74 -4.81 17.92
CA ALA B 164 2.47 -4.87 18.64
C ALA B 164 1.41 -4.05 17.93
N VAL B 165 1.77 -2.91 17.39
CA VAL B 165 0.79 -2.07 16.63
C VAL B 165 0.34 -2.87 15.40
N ARG B 166 1.23 -3.56 14.72
CA ARG B 166 0.84 -4.40 13.58
C ARG B 166 -0.19 -5.47 14.00
N ALA B 167 0.09 -6.15 15.12
CA ALA B 167 -0.85 -7.12 15.67
C ALA B 167 -2.22 -6.55 15.89
N LEU B 168 -2.25 -5.38 16.56
CA LEU B 168 -3.49 -4.69 16.90
C LEU B 168 -4.25 -4.30 15.63
N THR B 169 -3.49 -3.90 14.62
CA THR B 169 -4.05 -3.54 13.28
C THR B 169 -4.79 -4.72 12.74
N GLN B 170 -4.16 -5.89 12.76
CA GLN B 170 -4.78 -7.09 12.21
C GLN B 170 -6.01 -7.54 12.99
N SER B 171 -5.88 -7.64 14.31
CA SER B 171 -6.98 -8.11 15.13
C SER B 171 -8.15 -7.13 14.99
N ALA B 172 -7.86 -5.84 15.05
CA ALA B 172 -8.97 -4.82 14.91
C ALA B 172 -9.56 -4.86 13.54
N ALA B 173 -8.74 -5.01 12.46
CA ALA B 173 -9.37 -5.15 11.11
C ALA B 173 -10.37 -6.31 11.06
N LYS B 174 -10.01 -7.46 11.62
CA LYS B 174 -10.90 -8.60 11.57
C LYS B 174 -12.16 -8.35 12.40
N GLU B 175 -12.04 -7.75 13.56
CA GLU B 175 -13.18 -7.58 14.47
C GLU B 175 -14.11 -6.45 14.03
N LEU B 176 -13.56 -5.40 13.39
CA LEU B 176 -14.34 -4.19 13.08
C LEU B 176 -14.89 -4.22 11.66
N ALA B 177 -14.56 -5.25 10.86
CA ALA B 177 -14.98 -5.30 9.47
C ALA B 177 -16.51 -5.33 9.35
N SER B 178 -17.16 -6.10 10.23
CA SER B 178 -18.62 -6.18 10.21
C SER B 178 -19.31 -4.89 10.57
N SER B 179 -18.62 -3.92 11.15
CA SER B 179 -19.12 -2.56 11.39
C SER B 179 -18.78 -1.62 10.23
N GLY B 180 -18.17 -2.16 9.18
CA GLY B 180 -17.79 -1.38 8.03
C GLY B 180 -16.59 -0.48 8.25
N ILE B 181 -15.69 -0.86 9.16
CA ILE B 181 -14.55 -0.03 9.56
C ILE B 181 -13.31 -0.79 9.09
N THR B 182 -12.42 -0.11 8.38
CA THR B 182 -11.14 -0.73 7.96
C THR B 182 -10.06 -0.24 8.87
N VAL B 183 -9.02 -1.04 9.00
CA VAL B 183 -7.89 -0.73 9.88
C VAL B 183 -6.59 -1.15 9.11
N ASN B 184 -5.72 -0.18 8.91
CA ASN B 184 -4.43 -0.34 8.23
C ASN B 184 -3.40 0.48 8.88
N SER B 185 -2.14 0.12 8.67
CA SER B 185 -1.00 0.86 9.12
C SER B 185 -0.06 1.28 8.03
N TYR B 186 0.66 2.36 8.27
CA TYR B 186 1.74 2.81 7.34
C TYR B 186 3.05 2.65 8.04
N CYS B 187 4.05 2.24 7.28
CA CYS B 187 5.38 1.87 7.79
C CYS B 187 6.47 2.63 7.12
N PRO B 188 6.84 3.80 7.67
CA PRO B 188 7.94 4.57 7.09
C PRO B 188 9.31 4.00 7.33
N GLY B 189 10.26 4.47 6.53
CA GLY B 189 11.67 4.18 6.66
C GLY B 189 12.38 5.26 7.44
N ILE B 190 13.47 5.75 6.85
CA ILE B 190 14.28 6.77 7.47
C ILE B 190 13.77 8.13 7.08
N VAL B 191 13.02 8.73 8.00
CA VAL B 191 12.46 10.07 7.74
C VAL B 191 13.44 11.17 8.19
N GLY B 192 13.96 11.96 7.25
CA GLY B 192 15.08 12.88 7.52
C GLY B 192 14.73 14.00 8.51
N THR B 193 15.27 13.89 9.72
CA THR B 193 14.96 14.82 10.80
C THR B 193 16.16 15.06 11.74
N ASP B 194 16.04 16.08 12.57
CA ASP B 194 17.00 16.28 13.66
C ASP B 194 16.93 15.08 14.59
N MET B 195 15.84 14.32 14.50
CA MET B 195 15.63 13.16 15.33
C MET B 195 16.68 12.10 15.08
N TRP B 196 17.07 11.98 13.80
CA TRP B 196 18.04 10.93 13.42
C TRP B 196 19.43 11.35 13.89
N VAL B 197 19.68 12.65 13.87
CA VAL B 197 20.90 13.18 14.51
C VAL B 197 20.99 12.80 16.00
N THR B 198 19.89 12.89 16.70
CA THR B 198 19.85 12.41 18.09
C THR B 198 20.07 10.88 18.28
N ILE B 199 19.42 10.08 17.45
CA ILE B 199 19.55 8.61 17.42
C ILE B 199 21.01 8.27 17.25
N ASP B 200 21.68 8.95 16.29
CA ASP B 200 23.07 8.65 15.87
C ASP B 200 24.00 8.92 17.07
N LYS B 201 23.77 10.07 17.71
CA LYS B 201 24.50 10.50 18.90
C LYS B 201 24.40 9.41 19.94
N ARG B 202 23.18 9.06 20.32
CA ARG B 202 23.09 7.97 21.28
C ARG B 202 23.74 6.68 20.85
N MET B 203 23.50 6.31 19.61
CA MET B 203 24.04 5.06 19.15
C MET B 203 25.56 5.03 19.27
N ALA B 204 26.19 6.22 19.03
CA ALA B 204 27.68 6.39 19.09
C ALA B 204 28.28 6.22 20.48
N GLU B 205 27.62 6.87 21.41
CA GLU B 205 28.04 6.76 22.81
C GLU B 205 27.88 5.32 23.28
N ILE B 206 26.80 4.64 22.88
CA ILE B 206 26.66 3.25 23.28
C ILE B 206 27.75 2.37 22.72
N THR B 207 28.07 2.52 21.42
CA THR B 207 28.97 1.60 20.65
C THR B 207 30.47 1.99 20.48
N GLY B 208 30.80 3.28 20.54
CA GLY B 208 32.18 3.74 20.17
C GLY B 208 32.42 4.14 18.69
N THR B 209 31.41 4.00 17.83
CA THR B 209 31.50 4.53 16.46
C THR B 209 31.57 6.04 16.51
N GLU B 210 31.97 6.63 15.38
CA GLU B 210 32.04 8.06 15.31
C GLU B 210 30.67 8.73 15.22
N ILE B 211 30.53 9.83 15.93
CA ILE B 211 29.32 10.65 15.76
C ILE B 211 29.16 10.95 14.27
N GLY B 212 27.95 10.84 13.80
CA GLY B 212 27.63 11.05 12.36
C GLY B 212 27.68 9.82 11.48
N ALA B 213 28.48 8.81 11.83
CA ALA B 213 28.70 7.67 11.00
C ALA B 213 27.57 6.75 10.85
N THR B 214 26.79 6.57 11.93
CA THR B 214 25.70 5.60 11.93
C THR B 214 24.50 6.12 11.09
N TYR B 215 24.16 7.41 11.29
CA TYR B 215 23.10 8.00 10.45
C TYR B 215 23.51 7.94 9.00
N LYS B 216 24.75 8.26 8.69
CA LYS B 216 25.17 8.16 7.27
C LYS B 216 25.05 6.71 6.72
N LYS B 217 25.49 5.73 7.50
CA LYS B 217 25.45 4.35 7.05
C LYS B 217 24.01 3.91 6.84
N TYR B 218 23.11 4.32 7.70
CA TYR B 218 21.70 3.99 7.49
C TYR B 218 21.16 4.57 6.15
N VAL B 219 21.48 5.81 5.86
CA VAL B 219 21.01 6.45 4.63
C VAL B 219 21.57 5.72 3.42
N GLU B 220 22.82 5.24 3.54
CA GLU B 220 23.50 4.49 2.47
C GLU B 220 22.77 3.21 2.13
N GLY B 221 22.02 2.66 3.08
CA GLY B 221 21.22 1.45 2.89
C GLY B 221 19.94 1.51 2.10
N ILE B 222 19.45 2.71 1.90
CA ILE B 222 18.10 2.90 1.28
C ILE B 222 18.23 2.71 -0.22
N ALA B 223 17.45 1.81 -0.80
CA ALA B 223 17.65 1.51 -2.23
C ALA B 223 17.48 2.75 -3.11
N LEU B 224 16.46 3.53 -2.84
CA LEU B 224 16.20 4.70 -3.69
C LEU B 224 17.22 5.83 -3.50
N GLY B 225 18.07 5.77 -2.48
CA GLY B 225 19.19 6.68 -2.48
C GLY B 225 18.89 8.06 -1.92
N ARG B 226 17.77 8.25 -1.24
CA ARG B 226 17.44 9.52 -0.61
C ARG B 226 16.64 9.21 0.65
N VAL B 227 16.64 10.14 1.59
CA VAL B 227 15.84 10.03 2.80
C VAL B 227 14.37 10.36 2.51
N GLU B 228 13.54 9.94 3.45
CA GLU B 228 12.07 10.15 3.32
C GLU B 228 11.66 11.46 3.87
N THR B 229 10.71 12.12 3.17
CA THR B 229 10.13 13.32 3.68
C THR B 229 8.80 13.04 4.37
N ALA B 230 8.41 13.94 5.25
CA ALA B 230 7.10 13.81 5.89
C ALA B 230 6.01 13.82 4.83
N ASP B 231 6.19 14.56 3.74
CA ASP B 231 5.20 14.50 2.67
C ASP B 231 5.12 13.15 1.95
N ASP B 232 6.21 12.44 1.84
CA ASP B 232 6.19 11.06 1.34
C ASP B 232 5.24 10.19 2.18
N VAL B 233 5.32 10.28 3.48
CA VAL B 233 4.43 9.50 4.34
C VAL B 233 3.01 9.98 4.18
N ALA B 234 2.84 11.30 4.17
CA ALA B 234 1.48 11.86 4.03
C ALA B 234 0.82 11.45 2.78
N GLY B 235 1.54 11.36 1.69
CA GLY B 235 0.94 10.89 0.43
C GLY B 235 0.31 9.52 0.50
N PHE B 236 0.94 8.61 1.22
CA PHE B 236 0.35 7.27 1.37
C PHE B 236 -0.80 7.28 2.36
N VAL B 237 -0.71 8.08 3.39
CA VAL B 237 -1.83 8.23 4.36
C VAL B 237 -3.04 8.82 3.65
N ALA B 238 -2.79 9.70 2.70
CA ALA B 238 -3.86 10.21 1.88
C ALA B 238 -4.59 9.14 1.04
N TYR B 239 -3.81 8.20 0.47
CA TYR B 239 -4.37 7.04 -0.21
C TYR B 239 -5.23 6.23 0.79
N LEU B 240 -4.66 5.93 1.97
CA LEU B 240 -5.38 5.09 2.94
C LEU B 240 -6.66 5.77 3.45
N SER B 241 -6.71 7.09 3.38
CA SER B 241 -7.91 7.85 3.81
C SER B 241 -9.01 7.91 2.79
N SER B 242 -8.71 7.50 1.56
CA SER B 242 -9.53 7.70 0.38
C SER B 242 -10.42 6.47 0.04
N SER B 243 -11.41 6.69 -0.83
CA SER B 243 -12.19 5.60 -1.40
C SER B 243 -11.44 4.52 -2.08
N ASP B 244 -10.26 4.86 -2.62
CA ASP B 244 -9.49 3.91 -3.38
C ASP B 244 -8.83 2.89 -2.42
N ALA B 245 -8.95 3.11 -1.13
CA ALA B 245 -8.48 2.10 -0.13
C ALA B 245 -9.64 1.35 0.50
N ASP B 246 -10.88 1.52 0.04
CA ASP B 246 -12.04 0.86 0.69
C ASP B 246 -11.87 -0.65 0.90
N TYR B 247 -11.28 -1.33 -0.07
CA TYR B 247 -11.20 -2.78 -0.03
C TYR B 247 -9.92 -3.28 0.65
N MET B 248 -9.08 -2.35 1.14
CA MET B 248 -7.83 -2.71 1.83
C MET B 248 -8.08 -2.70 3.33
N THR B 249 -7.81 -3.82 4.01
CA THR B 249 -7.88 -3.83 5.47
C THR B 249 -6.89 -4.83 6.02
N GLY B 250 -6.41 -4.57 7.24
CA GLY B 250 -5.46 -5.47 7.92
C GLY B 250 -4.02 -5.34 7.51
N GLN B 251 -3.69 -4.36 6.70
CA GLN B 251 -2.39 -4.32 6.07
C GLN B 251 -1.52 -3.33 6.75
N SER B 252 -0.20 -3.61 6.72
CA SER B 252 0.79 -2.73 7.27
C SER B 252 1.86 -2.51 6.23
N VAL B 253 1.72 -1.42 5.49
CA VAL B 253 2.36 -1.22 4.20
C VAL B 253 3.62 -0.36 4.31
N LEU B 254 4.71 -0.84 3.76
CA LEU B 254 5.99 -0.16 3.79
C LEU B 254 6.12 0.92 2.68
N ILE B 255 6.33 2.15 3.12
CA ILE B 255 6.75 3.23 2.22
C ILE B 255 8.09 3.69 2.74
N ASP B 256 9.14 3.07 2.26
CA ASP B 256 10.45 3.10 2.97
C ASP B 256 11.62 3.23 2.04
N GLY B 257 11.40 3.51 0.75
CA GLY B 257 12.56 3.69 -0.11
C GLY B 257 13.31 2.44 -0.45
N GLY B 258 12.76 1.26 -0.10
CA GLY B 258 13.48 0.02 -0.35
C GLY B 258 14.48 -0.30 0.74
N LEU B 259 13.94 -0.52 1.93
CA LEU B 259 14.70 -1.01 3.09
C LEU B 259 14.26 -2.40 3.50
N VAL B 260 12.97 -2.61 3.68
CA VAL B 260 12.41 -3.88 4.10
C VAL B 260 11.47 -4.34 2.98
N PHE B 261 11.56 -5.58 2.58
CA PHE B 261 10.87 -6.10 1.41
C PHE B 261 9.95 -7.19 1.86
N ARG B 262 8.66 -6.96 1.66
CA ARG B 262 7.64 -7.95 2.00
C ARG B 262 6.66 -8.12 0.75
#